data_6Y00
#
_entry.id   6Y00
#
_cell.length_a   62.572
_cell.length_b   71.384
_cell.length_c   121.397
_cell.angle_alpha   90.000
_cell.angle_beta   90.000
_cell.angle_gamma   90.000
#
_symmetry.space_group_name_H-M   'P 21 21 21'
#
loop_
_entity.id
_entity.type
_entity.pdbx_description
1 polymer 'Carbonic anhydrase 1'
2 non-polymer 'ZINC ION'
3 non-polymer 1-[2-[(4-bromanyl-2-oxidanyl-phenyl)methylamino]ethyl]-3-(3-sulfamoylphenyl)urea
4 water water
#
_entity_poly.entity_id   1
_entity_poly.type   'polypeptide(L)'
_entity_poly.pdbx_seq_one_letter_code
;MASPDWGYDDKNGPEQWSKLYPIANGNNQSPVDIKTSETKHDTSLKPISVSYNPATAKEIINVGHSFHVNFEDNDNRSVL
KGGPFSDSYRLFQFHFHWGSTNEHGSEHTVDGVKYSAELHVAHWNSAKYSSLAEAASKADGLAVIGVLMKVGEANPKLQK
VLDALQAIKTKGKRAPFTNFDPSTLLPSSLDFWTYPGSLTHPPLYESVTWIICKESISVSSEQLAQFRSLLSNVEGDNAV
PMQHNNRPTQPLKGRTVRASF
;
_entity_poly.pdbx_strand_id   A,B
#
# COMPACT_ATOMS: atom_id res chain seq x y z
N ASP A 5 17.66 9.99 -16.57
CA ASP A 5 17.03 9.07 -15.62
C ASP A 5 17.36 9.48 -14.18
N TRP A 6 16.51 10.32 -13.60
CA TRP A 6 16.67 10.75 -12.23
C TRP A 6 15.56 10.12 -11.39
N GLY A 7 15.84 9.98 -10.11
CA GLY A 7 14.85 9.46 -9.18
C GLY A 7 15.27 9.77 -7.77
N TYR A 8 14.87 8.89 -6.85
CA TYR A 8 15.21 9.02 -5.45
C TYR A 8 15.94 7.80 -4.91
N ASP A 9 16.31 6.87 -5.78
CA ASP A 9 17.10 5.71 -5.38
C ASP A 9 18.56 6.10 -5.17
N ASP A 10 19.35 5.17 -4.64
CA ASP A 10 20.73 5.47 -4.31
C ASP A 10 21.55 5.83 -5.54
N LYS A 11 21.26 5.23 -6.70
CA LYS A 11 22.06 5.50 -7.89
C LYS A 11 21.60 6.74 -8.66
N ASN A 12 20.30 7.03 -8.70
CA ASN A 12 19.79 8.15 -9.48
C ASN A 12 19.26 9.29 -8.63
N GLY A 13 19.54 9.30 -7.33
CA GLY A 13 18.87 10.18 -6.42
C GLY A 13 19.54 11.52 -6.18
N PRO A 14 19.05 12.26 -5.17
CA PRO A 14 19.48 13.66 -4.98
C PRO A 14 20.98 13.88 -4.93
N GLU A 15 21.69 12.82 -4.51
CA GLU A 15 23.09 13.21 -4.34
C GLU A 15 23.86 13.06 -5.65
N GLN A 16 23.24 12.43 -6.58
CA GLN A 16 23.81 12.24 -7.90
C GLN A 16 23.24 13.18 -8.96
N TRP A 17 22.23 13.99 -8.60
CA TRP A 17 21.52 14.79 -9.60
C TRP A 17 22.45 15.76 -10.32
N SER A 18 23.50 16.23 -9.66
CA SER A 18 24.35 17.26 -10.25
C SER A 18 25.10 16.76 -11.48
N LYS A 19 25.25 15.44 -11.64
CA LYS A 19 25.93 14.90 -12.82
C LYS A 19 25.17 15.27 -14.09
N LEU A 20 23.84 15.16 -14.06
CA LEU A 20 23.02 15.54 -15.21
C LEU A 20 22.51 16.98 -15.12
N TYR A 21 22.32 17.51 -13.92
CA TYR A 21 21.76 18.85 -13.72
C TYR A 21 22.73 19.61 -12.83
N PRO A 22 23.74 20.25 -13.42
CA PRO A 22 24.75 20.96 -12.60
C PRO A 22 24.18 22.05 -11.70
N ILE A 23 23.00 22.59 -12.01
CA ILE A 23 22.36 23.57 -11.16
C ILE A 23 22.02 23.01 -9.78
N ALA A 24 22.08 21.69 -9.61
CA ALA A 24 21.84 21.08 -8.30
C ALA A 24 22.78 21.65 -7.24
N ASN A 25 23.97 22.09 -7.65
CA ASN A 25 24.95 22.73 -6.77
C ASN A 25 24.88 24.25 -6.82
N GLY A 26 23.75 24.80 -7.26
CA GLY A 26 23.63 26.24 -7.43
C GLY A 26 23.48 27.01 -6.14
N ASN A 27 23.27 28.31 -6.29
CA ASN A 27 23.20 29.24 -5.18
C ASN A 27 21.78 29.52 -4.70
N ASN A 28 20.77 28.99 -5.39
CA ASN A 28 19.37 29.23 -5.02
C ASN A 28 18.60 27.92 -5.01
N GLN A 29 19.18 26.89 -4.42
CA GLN A 29 18.58 25.56 -4.43
C GLN A 29 17.62 25.36 -3.25
N SER A 30 16.65 24.48 -3.45
CA SER A 30 15.61 24.20 -2.48
C SER A 30 15.47 22.69 -2.32
N PRO A 31 15.01 22.21 -1.17
CA PRO A 31 14.54 22.99 -0.02
C PRO A 31 15.69 23.45 0.86
N VAL A 32 15.35 24.16 1.94
CA VAL A 32 16.34 24.66 2.88
C VAL A 32 15.83 24.41 4.29
N ASP A 33 16.76 24.51 5.23
CA ASP A 33 16.40 24.53 6.64
C ASP A 33 16.20 25.99 7.03
N ILE A 34 15.04 26.29 7.62
CA ILE A 34 14.72 27.65 8.06
C ILE A 34 15.15 27.75 9.52
N LYS A 35 16.23 28.49 9.76
CA LYS A 35 16.69 28.78 11.12
C LYS A 35 16.00 30.06 11.58
N THR A 36 15.08 29.93 12.55
CA THR A 36 14.21 31.05 12.89
C THR A 36 14.93 32.21 13.57
N SER A 37 16.08 31.96 14.19
CA SER A 37 16.86 33.06 14.74
C SER A 37 17.57 33.87 13.67
N GLU A 38 17.64 33.35 12.44
CA GLU A 38 18.29 34.05 11.35
C GLU A 38 17.30 34.66 10.36
N THR A 39 16.01 34.43 10.54
CA THR A 39 15.04 35.05 9.65
C THR A 39 14.95 36.55 9.93
N LYS A 40 14.59 37.31 8.91
CA LYS A 40 14.41 38.75 9.06
C LYS A 40 12.94 39.09 8.81
N HIS A 41 12.29 39.67 9.81
CA HIS A 41 10.93 40.12 9.62
C HIS A 41 10.93 41.28 8.62
N ASP A 42 9.97 41.26 7.70
CA ASP A 42 9.86 42.25 6.64
C ASP A 42 8.47 42.87 6.75
N THR A 43 8.41 44.15 7.12
CA THR A 43 7.14 44.83 7.27
C THR A 43 6.46 45.12 5.93
N SER A 44 7.19 44.99 4.82
CA SER A 44 6.61 45.23 3.51
C SER A 44 5.84 44.02 2.97
N LEU A 45 5.98 42.85 3.60
CA LEU A 45 5.25 41.67 3.13
C LEU A 45 3.77 41.83 3.43
N LYS A 46 2.96 41.71 2.41
CA LYS A 46 1.52 41.74 2.56
C LYS A 46 1.01 40.34 2.86
N PRO A 47 -0.23 40.21 3.34
CA PRO A 47 -0.79 38.87 3.56
C PRO A 47 -0.88 38.10 2.25
N ILE A 48 -0.74 36.79 2.35
CA ILE A 48 -0.99 35.90 1.22
C ILE A 48 -2.48 35.89 0.92
N SER A 49 -2.82 35.97 -0.37
CA SER A 49 -4.22 35.94 -0.80
C SER A 49 -4.35 34.85 -1.86
N VAL A 50 -5.11 33.81 -1.57
CA VAL A 50 -5.43 32.77 -2.54
C VAL A 50 -6.92 32.77 -2.83
N SER A 51 -7.25 32.64 -4.11
CA SER A 51 -8.64 32.60 -4.57
C SER A 51 -8.67 31.59 -5.71
N TYR A 52 -9.09 30.36 -5.39
CA TYR A 52 -9.10 29.27 -6.34
C TYR A 52 -10.53 28.90 -6.71
N ASN A 53 -10.75 28.59 -7.98
CA ASN A 53 -12.05 28.16 -8.47
C ASN A 53 -12.04 26.64 -8.55
N PRO A 54 -12.95 25.93 -7.86
CA PRO A 54 -12.91 24.46 -7.91
C PRO A 54 -13.12 23.90 -9.30
N ALA A 55 -13.74 24.66 -10.20
CA ALA A 55 -13.94 24.17 -11.57
C ALA A 55 -12.64 24.07 -12.35
N THR A 56 -11.54 24.64 -11.85
CA THR A 56 -10.26 24.53 -12.54
C THR A 56 -9.56 23.20 -12.28
N ALA A 57 -9.99 22.43 -11.30
CA ALA A 57 -9.38 21.12 -11.07
C ALA A 57 -9.60 20.24 -12.29
N LYS A 58 -8.53 19.56 -12.74
CA LYS A 58 -8.58 18.84 -14.01
C LYS A 58 -8.32 17.34 -13.87
N GLU A 59 -7.15 16.94 -13.37
CA GLU A 59 -6.69 15.58 -13.55
C GLU A 59 -5.68 15.24 -12.46
N ILE A 60 -5.67 13.97 -12.07
CA ILE A 60 -4.68 13.43 -11.16
C ILE A 60 -3.85 12.40 -11.92
N ILE A 61 -2.53 12.48 -11.69
CA ILE A 61 -1.70 11.66 -12.57
C ILE A 61 -0.63 10.94 -11.76
N ASN A 62 -0.28 9.69 -11.93
CA ASN A 62 0.87 9.03 -11.33
C ASN A 62 2.08 9.30 -12.22
N VAL A 63 3.04 10.05 -11.71
CA VAL A 63 4.24 10.43 -12.46
C VAL A 63 5.45 9.56 -12.09
N GLY A 64 5.23 8.42 -11.46
CA GLY A 64 6.34 7.51 -11.21
C GLY A 64 7.02 7.72 -9.88
N HIS A 65 7.53 8.94 -9.66
CA HIS A 65 8.14 9.30 -8.39
C HIS A 65 7.17 9.97 -7.43
N SER A 66 5.98 10.32 -7.91
CA SER A 66 4.99 11.06 -7.13
C SER A 66 3.66 10.96 -7.87
N PHE A 67 2.68 11.74 -7.42
CA PHE A 67 1.47 12.00 -8.17
C PHE A 67 1.18 13.49 -8.14
N HIS A 68 0.50 13.97 -9.17
CA HIS A 68 0.22 15.38 -9.35
C HIS A 68 -1.27 15.57 -9.54
N VAL A 69 -1.81 16.65 -8.97
CA VAL A 69 -3.16 17.10 -9.28
C VAL A 69 -3.01 18.39 -10.07
N ASN A 70 -3.40 18.35 -11.34
CA ASN A 70 -3.20 19.47 -12.24
C ASN A 70 -4.50 20.23 -12.45
N PHE A 71 -4.35 21.52 -12.76
CA PHE A 71 -5.45 22.47 -12.88
C PHE A 71 -5.42 23.14 -14.25
N GLU A 72 -6.61 23.42 -14.77
CA GLU A 72 -6.74 24.27 -15.95
C GLU A 72 -6.10 25.62 -15.66
N ASP A 73 -5.22 26.07 -16.55
CA ASP A 73 -4.46 27.30 -16.31
C ASP A 73 -4.55 28.26 -17.51
N ASN A 74 -5.70 28.28 -18.18
CA ASN A 74 -5.90 29.14 -19.33
C ASN A 74 -6.36 30.55 -18.97
N ASP A 75 -6.76 30.81 -17.73
CA ASP A 75 -7.20 32.13 -17.31
C ASP A 75 -6.93 32.29 -15.83
N ASN A 76 -7.36 33.43 -15.28
CA ASN A 76 -7.08 33.77 -13.89
C ASN A 76 -8.18 33.37 -12.93
N ARG A 77 -8.87 32.25 -13.19
CA ARG A 77 -9.88 31.79 -12.25
C ARG A 77 -9.29 31.43 -10.90
N SER A 78 -8.03 30.98 -10.87
CA SER A 78 -7.41 30.46 -9.66
C SER A 78 -6.04 31.12 -9.52
N VAL A 79 -5.91 32.05 -8.56
CA VAL A 79 -4.72 32.88 -8.47
C VAL A 79 -4.24 33.02 -7.03
N LEU A 80 -2.93 33.28 -6.91
CA LEU A 80 -2.26 33.66 -5.67
C LEU A 80 -1.75 35.08 -5.84
N LYS A 81 -1.98 35.92 -4.84
CA LYS A 81 -1.52 37.31 -4.84
C LYS A 81 -1.03 37.66 -3.45
N GLY A 82 -0.42 38.83 -3.32
CA GLY A 82 0.04 39.31 -2.03
C GLY A 82 1.41 38.77 -1.67
N GLY A 83 1.67 38.72 -0.36
CA GLY A 83 2.96 38.30 0.11
C GLY A 83 4.05 39.21 -0.42
N PRO A 84 5.10 38.62 -0.99
CA PRO A 84 6.16 39.43 -1.59
C PRO A 84 5.91 39.82 -3.03
N PHE A 85 4.75 39.48 -3.58
CA PHE A 85 4.50 39.58 -5.02
C PHE A 85 3.75 40.86 -5.38
N SER A 86 4.16 41.28 -6.52
CA SER A 86 3.30 42.37 -7.01
C SER A 86 2.54 41.84 -8.22
N ASP A 87 2.85 40.79 -8.81
CA ASP A 87 2.14 40.13 -9.88
C ASP A 87 1.22 39.04 -9.32
N SER A 88 0.19 38.72 -10.10
CA SER A 88 -0.71 37.61 -9.79
C SER A 88 -0.12 36.33 -10.38
N TYR A 89 -0.19 35.24 -9.62
CA TYR A 89 0.32 33.95 -10.07
C TYR A 89 -0.83 32.96 -10.20
N ARG A 90 -0.80 32.18 -11.28
CA ARG A 90 -1.89 31.30 -11.66
C ARG A 90 -1.62 29.89 -11.16
N LEU A 91 -2.58 29.32 -10.42
CA LEU A 91 -2.46 27.94 -9.95
C LEU A 91 -2.33 26.98 -11.11
N PHE A 92 -1.42 26.03 -11.00
CA PHE A 92 -1.36 24.95 -11.99
C PHE A 92 -1.31 23.53 -11.44
N GLN A 93 -0.87 23.33 -10.20
CA GLN A 93 -0.69 21.97 -9.70
C GLN A 93 -0.55 22.02 -8.19
N PHE A 94 -0.97 20.94 -7.53
CA PHE A 94 -0.46 20.65 -6.20
C PHE A 94 -0.01 19.19 -6.14
N HIS A 95 0.88 18.93 -5.18
CA HIS A 95 1.42 17.58 -4.98
C HIS A 95 2.02 17.54 -3.60
N PHE A 96 2.50 16.36 -3.22
CA PHE A 96 3.07 16.11 -1.89
C PHE A 96 4.45 15.49 -2.03
N HIS A 97 5.24 15.62 -0.97
CA HIS A 97 6.43 14.81 -0.77
C HIS A 97 6.30 14.10 0.57
N TRP A 98 6.91 12.93 0.67
CA TRP A 98 6.87 12.13 1.89
C TRP A 98 8.15 11.32 1.97
N GLY A 99 8.35 10.67 3.12
CA GLY A 99 9.54 9.90 3.39
C GLY A 99 9.21 8.44 3.68
N SER A 100 10.28 7.68 3.93
CA SER A 100 10.15 6.23 4.12
C SER A 100 9.39 5.87 5.39
N THR A 101 9.53 6.67 6.45
CA THR A 101 8.80 6.47 7.69
C THR A 101 8.31 7.84 8.15
N ASN A 102 7.56 7.85 9.26
CA ASN A 102 7.00 9.09 9.76
C ASN A 102 8.06 10.09 10.20
N GLU A 103 9.28 9.62 10.49
CA GLU A 103 10.27 10.50 11.11
C GLU A 103 10.79 11.58 10.17
N HIS A 104 10.60 11.40 8.87
CA HIS A 104 11.05 12.38 7.91
C HIS A 104 10.07 12.33 6.75
N GLY A 105 10.22 13.24 5.82
CA GLY A 105 9.34 13.21 4.68
C GLY A 105 9.11 14.60 4.12
N SER A 106 9.17 15.61 4.97
CA SER A 106 9.09 16.97 4.47
C SER A 106 10.37 17.33 3.72
N GLU A 107 10.28 18.37 2.90
CA GLU A 107 11.46 18.84 2.20
C GLU A 107 12.11 19.98 2.99
N HIS A 108 11.35 21.05 3.21
CA HIS A 108 11.80 22.06 4.14
C HIS A 108 11.80 21.53 5.57
N THR A 109 12.71 22.05 6.36
CA THR A 109 12.76 21.79 7.79
C THR A 109 12.80 23.14 8.49
N VAL A 110 12.37 23.15 9.74
CA VAL A 110 12.36 24.36 10.56
C VAL A 110 13.18 24.10 11.82
N ASP A 111 14.25 24.87 11.98
CA ASP A 111 15.19 24.68 13.10
C ASP A 111 15.64 23.23 13.20
N GLY A 112 15.91 22.62 12.05
CA GLY A 112 16.36 21.25 11.98
C GLY A 112 15.27 20.20 12.14
N VAL A 113 14.04 20.59 12.41
CA VAL A 113 12.98 19.62 12.66
C VAL A 113 12.40 19.16 11.32
N LYS A 114 12.37 17.83 11.13
CA LYS A 114 11.81 17.21 9.93
C LYS A 114 10.38 16.81 10.21
N TYR A 115 9.48 17.14 9.29
CA TYR A 115 8.09 16.72 9.38
C TYR A 115 7.86 15.48 8.49
N SER A 116 6.63 14.97 8.52
CA SER A 116 6.34 13.66 7.90
C SER A 116 6.07 13.77 6.42
N ALA A 117 5.62 14.94 5.96
CA ALA A 117 5.29 15.15 4.56
C ALA A 117 5.22 16.65 4.34
N GLU A 118 5.00 17.03 3.08
CA GLU A 118 4.93 18.45 2.72
C GLU A 118 4.03 18.58 1.50
N LEU A 119 3.14 19.56 1.55
CA LEU A 119 2.26 19.89 0.43
C LEU A 119 2.85 21.06 -0.31
N HIS A 120 2.87 20.96 -1.64
CA HIS A 120 3.33 22.03 -2.52
C HIS A 120 2.18 22.45 -3.44
N VAL A 121 1.85 23.74 -3.44
CA VAL A 121 0.81 24.29 -4.30
C VAL A 121 1.54 25.26 -5.23
N ALA A 122 1.58 24.95 -6.52
CA ALA A 122 2.47 25.64 -7.45
C ALA A 122 1.70 26.54 -8.40
N HIS A 123 2.31 27.69 -8.72
CA HIS A 123 1.69 28.75 -9.51
C HIS A 123 2.74 29.33 -10.45
N TRP A 124 2.30 29.92 -11.57
CA TRP A 124 3.20 30.56 -12.51
C TRP A 124 2.77 31.99 -12.81
N ASN A 125 3.75 32.83 -13.15
CA ASN A 125 3.56 34.28 -13.25
C ASN A 125 2.87 34.60 -14.58
N SER A 126 1.55 34.75 -14.54
CA SER A 126 0.79 35.04 -15.74
C SER A 126 0.71 36.55 -16.03
N ALA A 127 1.15 37.39 -15.09
CA ALA A 127 1.26 38.81 -15.39
C ALA A 127 2.38 39.08 -16.39
N LYS A 128 3.49 38.34 -16.28
CA LYS A 128 4.68 38.57 -17.07
C LYS A 128 4.84 37.59 -18.22
N TYR A 129 4.37 36.36 -18.07
CA TYR A 129 4.61 35.31 -19.05
C TYR A 129 3.29 34.76 -19.57
N SER A 130 3.36 34.10 -20.73
CA SER A 130 2.17 33.62 -21.41
CA SER A 130 2.18 33.62 -21.43
C SER A 130 1.87 32.16 -21.16
N SER A 131 2.78 31.41 -20.53
CA SER A 131 2.54 29.99 -20.30
C SER A 131 3.47 29.49 -19.21
N LEU A 132 3.14 28.32 -18.65
CA LEU A 132 4.03 27.67 -17.71
C LEU A 132 5.40 27.40 -18.33
N ALA A 133 5.42 26.96 -19.59
CA ALA A 133 6.68 26.65 -20.26
C ALA A 133 7.61 27.86 -20.31
N GLU A 134 7.06 29.05 -20.61
CA GLU A 134 7.89 30.25 -20.61
C GLU A 134 8.32 30.62 -19.20
N ALA A 135 7.40 30.51 -18.24
CA ALA A 135 7.68 30.98 -16.89
C ALA A 135 8.62 30.06 -16.12
N ALA A 136 8.72 28.79 -16.52
CA ALA A 136 9.32 27.78 -15.63
C ALA A 136 10.79 28.03 -15.35
N SER A 137 11.50 28.71 -16.26
CA SER A 137 12.93 28.93 -16.08
C SER A 137 13.28 30.36 -15.70
N LYS A 138 12.27 31.22 -15.49
CA LYS A 138 12.49 32.63 -15.17
C LYS A 138 12.61 32.81 -13.67
N ALA A 139 13.50 33.69 -13.24
CA ALA A 139 13.76 33.87 -11.81
C ALA A 139 12.48 34.21 -11.06
N ASP A 140 11.59 34.99 -11.68
CA ASP A 140 10.32 35.39 -11.10
C ASP A 140 9.16 34.58 -11.67
N GLY A 141 9.44 33.40 -12.21
CA GLY A 141 8.43 32.68 -12.95
C GLY A 141 7.43 31.91 -12.11
N LEU A 142 7.85 31.35 -10.96
CA LEU A 142 7.03 30.42 -10.21
C LEU A 142 6.90 30.85 -8.76
N ALA A 143 5.76 30.50 -8.17
CA ALA A 143 5.50 30.72 -6.75
C ALA A 143 4.91 29.43 -6.22
N VAL A 144 5.53 28.88 -5.17
CA VAL A 144 5.07 27.61 -4.60
C VAL A 144 4.83 27.83 -3.12
N ILE A 145 3.63 27.50 -2.67
CA ILE A 145 3.31 27.42 -1.24
C ILE A 145 3.68 26.05 -0.72
N GLY A 146 4.47 26.02 0.35
CA GLY A 146 4.81 24.79 1.04
C GLY A 146 4.16 24.76 2.41
N VAL A 147 3.52 23.64 2.72
CA VAL A 147 2.87 23.40 4.01
C VAL A 147 3.49 22.14 4.61
N LEU A 148 4.06 22.27 5.80
CA LEU A 148 4.61 21.13 6.51
C LEU A 148 3.48 20.30 7.09
N MET A 149 3.59 18.98 6.98
CA MET A 149 2.54 18.07 7.40
C MET A 149 3.07 17.25 8.57
N LYS A 150 2.47 17.45 9.74
CA LYS A 150 2.92 16.82 10.97
C LYS A 150 2.07 15.59 11.27
N VAL A 151 2.71 14.45 11.49
CA VAL A 151 1.96 13.23 11.73
C VAL A 151 1.16 13.36 13.02
N GLY A 152 -0.09 12.92 12.96
CA GLY A 152 -1.03 13.05 14.06
C GLY A 152 -2.41 12.61 13.63
N GLU A 153 -3.42 13.43 13.88
CA GLU A 153 -4.79 13.02 13.58
C GLU A 153 -5.02 13.00 12.08
N ALA A 154 -5.90 12.08 11.66
CA ALA A 154 -6.29 12.02 10.26
C ALA A 154 -6.84 13.37 9.81
N ASN A 155 -6.46 13.77 8.58
CA ASN A 155 -6.88 15.05 8.05
C ASN A 155 -8.02 14.81 7.08
N PRO A 156 -9.26 15.13 7.42
CA PRO A 156 -10.36 14.82 6.49
C PRO A 156 -10.31 15.62 5.18
N LYS A 157 -9.63 16.77 5.16
CA LYS A 157 -9.55 17.56 3.94
C LYS A 157 -8.79 16.83 2.83
N LEU A 158 -7.99 15.85 3.19
CA LEU A 158 -7.27 15.03 2.21
C LEU A 158 -8.13 13.95 1.58
N GLN A 159 -9.41 13.82 1.96
CA GLN A 159 -10.18 12.62 1.62
C GLN A 159 -10.29 12.42 0.10
N LYS A 160 -10.72 13.44 -0.63
CA LYS A 160 -10.90 13.30 -2.07
C LYS A 160 -9.60 12.89 -2.74
N VAL A 161 -8.48 13.47 -2.31
CA VAL A 161 -7.17 13.13 -2.89
C VAL A 161 -6.87 11.65 -2.64
N LEU A 162 -6.97 11.22 -1.39
CA LEU A 162 -6.67 9.84 -1.03
C LEU A 162 -7.58 8.87 -1.74
N ASP A 163 -8.88 9.20 -1.83
CA ASP A 163 -9.83 8.31 -2.47
C ASP A 163 -9.54 8.15 -3.95
N ALA A 164 -8.81 9.09 -4.56
CA ALA A 164 -8.55 9.02 -5.99
C ALA A 164 -7.38 8.12 -6.34
N LEU A 165 -6.52 7.80 -5.36
CA LEU A 165 -5.26 7.12 -5.65
C LEU A 165 -5.48 5.71 -6.18
N GLN A 166 -6.56 5.04 -5.77
CA GLN A 166 -6.79 3.69 -6.25
C GLN A 166 -6.97 3.61 -7.75
N ALA A 167 -7.27 4.75 -8.41
CA ALA A 167 -7.44 4.74 -9.86
C ALA A 167 -6.16 5.09 -10.61
N ILE A 168 -5.10 5.47 -9.90
CA ILE A 168 -3.83 5.84 -10.54
C ILE A 168 -2.68 5.11 -9.85
N LYS A 169 -2.85 3.81 -9.60
CA LYS A 169 -1.91 3.09 -8.75
C LYS A 169 -0.52 2.98 -9.38
N THR A 170 -0.43 2.89 -10.70
CA THR A 170 0.83 2.61 -11.36
C THR A 170 1.21 3.76 -12.29
N LYS A 171 2.50 3.77 -12.63
CA LYS A 171 3.09 4.88 -13.36
C LYS A 171 2.37 5.13 -14.69
N GLY A 172 2.01 6.38 -14.92
CA GLY A 172 1.38 6.81 -16.16
C GLY A 172 -0.13 6.84 -16.13
N LYS A 173 -0.74 6.19 -15.15
CA LYS A 173 -2.19 6.24 -15.04
C LYS A 173 -2.64 7.64 -14.65
N ARG A 174 -3.79 8.04 -15.19
CA ARG A 174 -4.37 9.35 -14.91
C ARG A 174 -5.88 9.23 -14.88
N ALA A 175 -6.52 10.17 -14.20
CA ALA A 175 -7.97 10.16 -14.11
C ALA A 175 -8.47 11.58 -13.89
N PRO A 176 -9.70 11.87 -14.30
CA PRO A 176 -10.30 13.16 -13.98
C PRO A 176 -10.30 13.37 -12.47
N PHE A 177 -10.03 14.61 -12.08
CA PHE A 177 -10.06 15.04 -10.67
C PHE A 177 -10.65 16.44 -10.73
N THR A 178 -11.93 16.57 -10.40
CA THR A 178 -12.68 17.78 -10.69
C THR A 178 -13.31 18.35 -9.43
N ASN A 179 -13.71 19.61 -9.53
CA ASN A 179 -14.51 20.29 -8.51
C ASN A 179 -13.82 20.26 -7.14
N PHE A 180 -12.61 20.80 -7.10
CA PHE A 180 -11.83 20.78 -5.88
C PHE A 180 -11.04 22.06 -5.74
N ASP A 181 -11.14 22.67 -4.57
CA ASP A 181 -10.44 23.91 -4.24
C ASP A 181 -9.32 23.58 -3.26
N PRO A 182 -8.05 23.61 -3.67
CA PRO A 182 -6.97 23.19 -2.76
C PRO A 182 -6.63 24.20 -1.67
N SER A 183 -7.23 25.39 -1.68
CA SER A 183 -7.09 26.26 -0.51
C SER A 183 -7.67 25.61 0.74
N THR A 184 -8.57 24.65 0.59
CA THR A 184 -9.07 23.87 1.73
C THR A 184 -7.99 23.05 2.41
N LEU A 185 -6.83 22.87 1.78
CA LEU A 185 -5.74 22.09 2.38
C LEU A 185 -4.78 22.97 3.19
N LEU A 186 -4.87 24.28 3.06
CA LEU A 186 -3.95 25.21 3.70
C LEU A 186 -4.29 25.35 5.18
N PRO A 187 -3.30 25.70 6.01
CA PRO A 187 -3.56 25.90 7.43
C PRO A 187 -4.42 27.14 7.67
N SER A 188 -4.90 27.25 8.91
CA SER A 188 -5.80 28.34 9.28
C SER A 188 -5.11 29.69 9.16
N SER A 189 -3.88 29.78 9.64
CA SER A 189 -3.09 30.99 9.51
C SER A 189 -2.17 30.87 8.31
N LEU A 190 -2.07 31.96 7.54
CA LEU A 190 -1.14 32.02 6.42
C LEU A 190 0.10 32.86 6.71
N ASP A 191 0.46 33.02 7.99
CA ASP A 191 1.79 33.56 8.31
C ASP A 191 2.84 32.70 7.63
N PHE A 192 3.88 33.33 7.10
CA PHE A 192 4.78 32.59 6.22
C PHE A 192 6.21 33.11 6.28
N TRP A 193 7.12 32.27 5.81
CA TRP A 193 8.47 32.63 5.45
C TRP A 193 8.57 32.64 3.93
N THR A 194 9.48 33.46 3.40
CA THR A 194 9.71 33.47 1.96
C THR A 194 11.20 33.57 1.68
N TYR A 195 11.65 32.89 0.63
CA TYR A 195 13.02 33.00 0.17
C TYR A 195 13.06 32.62 -1.30
N PRO A 196 14.06 33.11 -2.04
CA PRO A 196 14.20 32.73 -3.46
C PRO A 196 14.90 31.38 -3.59
N GLY A 197 14.29 30.47 -4.33
CA GLY A 197 14.78 29.11 -4.40
C GLY A 197 14.50 28.47 -5.73
N SER A 198 14.30 27.16 -5.70
CA SER A 198 14.28 26.36 -6.92
C SER A 198 13.20 25.29 -6.86
N LEU A 199 12.95 24.66 -8.00
CA LEU A 199 12.28 23.37 -8.00
C LEU A 199 13.11 22.39 -7.18
N THR A 200 12.44 21.52 -6.45
CA THR A 200 13.16 20.63 -5.55
C THR A 200 13.55 19.30 -6.21
N HIS A 201 13.26 19.12 -7.49
CA HIS A 201 13.76 17.98 -8.23
C HIS A 201 14.01 18.42 -9.65
N PRO A 202 14.72 17.62 -10.44
CA PRO A 202 15.04 18.01 -11.82
C PRO A 202 13.80 18.47 -12.56
N PRO A 203 13.90 19.54 -13.37
CA PRO A 203 15.16 20.19 -13.74
C PRO A 203 15.77 21.22 -12.77
N LEU A 204 15.22 21.37 -11.57
CA LEU A 204 15.86 22.15 -10.50
C LEU A 204 16.01 23.63 -10.82
N TYR A 205 15.20 24.17 -11.73
CA TYR A 205 15.30 25.57 -12.12
C TYR A 205 15.20 26.48 -10.90
N GLU A 206 16.08 27.48 -10.85
CA GLU A 206 16.07 28.46 -9.77
C GLU A 206 15.08 29.58 -10.07
N SER A 207 13.80 29.18 -10.14
CA SER A 207 12.73 30.04 -10.60
C SER A 207 11.58 30.18 -9.59
N VAL A 208 11.77 29.73 -8.36
CA VAL A 208 10.66 29.62 -7.41
C VAL A 208 10.84 30.63 -6.29
N THR A 209 9.81 31.45 -6.06
CA THR A 209 9.68 32.17 -4.82
C THR A 209 8.87 31.29 -3.89
N TRP A 210 9.50 30.83 -2.81
CA TRP A 210 8.88 29.91 -1.88
C TRP A 210 8.10 30.67 -0.82
N ILE A 211 6.93 30.15 -0.49
CA ILE A 211 6.08 30.65 0.58
C ILE A 211 5.88 29.48 1.52
N ILE A 212 6.58 29.46 2.66
CA ILE A 212 6.50 28.35 3.60
C ILE A 212 5.61 28.77 4.76
N CYS A 213 4.52 28.05 4.98
CA CYS A 213 3.60 28.40 6.05
C CYS A 213 4.20 28.06 7.40
N LYS A 214 3.96 28.95 8.38
CA LYS A 214 4.43 28.70 9.74
C LYS A 214 3.64 27.58 10.41
N GLU A 215 2.33 27.56 10.20
CA GLU A 215 1.47 26.56 10.82
C GLU A 215 1.48 25.28 9.99
N SER A 216 1.59 24.15 10.65
CA SER A 216 1.52 22.87 9.96
C SER A 216 0.06 22.45 9.79
N ILE A 217 -0.14 21.43 8.95
CA ILE A 217 -1.40 20.70 8.89
C ILE A 217 -1.12 19.26 9.30
N SER A 218 -2.18 18.56 9.68
N SER A 218 -2.19 18.56 9.66
CA SER A 218 -2.03 17.21 10.18
CA SER A 218 -2.05 17.20 10.16
C SER A 218 -2.15 16.19 9.04
C SER A 218 -2.15 16.19 9.04
N VAL A 219 -1.66 14.98 9.32
CA VAL A 219 -1.82 13.83 8.46
C VAL A 219 -1.62 12.60 9.35
N SER A 220 -2.41 11.56 9.13
CA SER A 220 -2.27 10.38 9.97
C SER A 220 -1.22 9.42 9.41
N SER A 221 -0.75 8.52 10.27
CA SER A 221 0.19 7.49 9.82
CA SER A 221 0.19 7.48 9.84
C SER A 221 -0.39 6.66 8.68
N GLU A 222 -1.70 6.39 8.74
CA GLU A 222 -2.34 5.58 7.71
C GLU A 222 -2.51 6.35 6.42
N GLN A 223 -2.74 7.67 6.52
CA GLN A 223 -2.82 8.49 5.31
C GLN A 223 -1.47 8.51 4.59
N LEU A 224 -0.38 8.67 5.34
CA LEU A 224 0.96 8.58 4.77
C LEU A 224 1.18 7.23 4.10
N ALA A 225 0.67 6.16 4.73
CA ALA A 225 0.81 4.83 4.15
C ALA A 225 0.14 4.74 2.79
N GLN A 226 -0.96 5.47 2.59
CA GLN A 226 -1.60 5.50 1.27
C GLN A 226 -0.69 6.11 0.22
N PHE A 227 0.00 7.21 0.55
CA PHE A 227 1.00 7.75 -0.38
C PHE A 227 2.04 6.68 -0.73
N ARG A 228 2.58 6.02 0.30
CA ARG A 228 3.68 5.09 0.07
C ARG A 228 3.23 3.82 -0.63
N SER A 229 1.93 3.57 -0.69
CA SER A 229 1.42 2.41 -1.43
C SER A 229 1.21 2.70 -2.91
N LEU A 230 1.39 3.94 -3.35
CA LEU A 230 1.43 4.19 -4.79
C LEU A 230 2.63 3.47 -5.39
N LEU A 231 2.52 3.08 -6.65
CA LEU A 231 3.52 2.25 -7.29
C LEU A 231 4.27 3.04 -8.36
N SER A 232 5.59 2.92 -8.35
CA SER A 232 6.43 3.62 -9.33
C SER A 232 6.59 2.87 -10.64
N ASN A 233 6.24 1.59 -10.67
CA ASN A 233 6.35 0.75 -11.85
C ASN A 233 5.10 0.92 -12.72
N VAL A 234 5.22 0.50 -13.97
CA VAL A 234 4.06 0.48 -14.85
C VAL A 234 3.26 -0.79 -14.59
N GLU A 235 1.97 -0.73 -14.93
CA GLU A 235 1.09 -1.87 -14.77
C GLU A 235 1.68 -3.12 -15.40
N GLY A 236 1.63 -4.23 -14.66
CA GLY A 236 2.12 -5.52 -15.12
C GLY A 236 3.51 -5.86 -14.62
N ASP A 237 4.33 -4.86 -14.34
CA ASP A 237 5.67 -5.10 -13.81
C ASP A 237 5.61 -5.39 -12.32
N ASN A 238 6.75 -5.83 -11.78
CA ASN A 238 6.89 -6.04 -10.34
C ASN A 238 6.56 -4.75 -9.61
N ALA A 239 5.73 -4.86 -8.58
CA ALA A 239 5.30 -3.68 -7.84
C ALA A 239 6.47 -3.07 -7.07
N VAL A 240 6.66 -1.77 -7.24
CA VAL A 240 7.70 -1.03 -6.54
C VAL A 240 7.06 0.17 -5.85
N PRO A 241 6.78 0.10 -4.55
CA PRO A 241 6.15 1.23 -3.86
C PRO A 241 7.01 2.49 -3.92
N MET A 242 6.32 3.63 -3.95
CA MET A 242 6.94 4.96 -3.88
C MET A 242 7.24 5.26 -2.42
N GLN A 243 8.39 4.80 -1.93
CA GLN A 243 8.66 4.89 -0.50
C GLN A 243 8.96 6.31 -0.05
N HIS A 244 9.59 7.12 -0.91
CA HIS A 244 9.98 8.47 -0.51
C HIS A 244 10.27 9.31 -1.75
N ASN A 245 10.24 10.62 -1.56
CA ASN A 245 10.51 11.53 -2.68
C ASN A 245 10.87 12.92 -2.19
N ASN A 246 11.55 13.03 -1.05
CA ASN A 246 11.94 14.31 -0.49
C ASN A 246 13.44 14.53 -0.68
N ARG A 247 13.79 15.70 -1.17
CA ARG A 247 15.20 16.08 -1.32
C ARG A 247 15.75 16.58 0.01
N PRO A 248 17.01 16.26 0.33
CA PRO A 248 17.65 16.87 1.51
C PRO A 248 17.70 18.39 1.37
N THR A 249 17.77 19.07 2.52
CA THR A 249 17.93 20.51 2.50
C THR A 249 19.30 20.92 1.97
N GLN A 250 19.35 22.09 1.36
CA GLN A 250 20.48 22.59 0.60
C GLN A 250 21.02 23.88 1.21
N PRO A 251 22.28 24.23 0.93
CA PRO A 251 22.87 25.42 1.57
C PRO A 251 22.20 26.71 1.16
N LEU A 252 22.04 27.61 2.13
CA LEU A 252 21.40 28.91 1.87
C LEU A 252 22.27 29.79 0.98
N LYS A 253 23.59 29.63 1.04
CA LYS A 253 24.51 30.39 0.17
C LYS A 253 24.25 31.89 0.25
N GLY A 254 24.04 32.40 1.46
CA GLY A 254 23.86 33.81 1.68
C GLY A 254 22.46 34.35 1.51
N ARG A 255 21.50 33.50 1.13
CA ARG A 255 20.14 33.99 0.99
C ARG A 255 19.55 34.32 2.35
N THR A 256 18.59 35.22 2.35
CA THR A 256 17.85 35.59 3.55
C THR A 256 16.44 35.04 3.47
N VAL A 257 16.03 34.32 4.51
CA VAL A 257 14.64 33.92 4.66
C VAL A 257 13.92 35.03 5.40
N ARG A 258 12.91 35.62 4.77
CA ARG A 258 12.12 36.67 5.40
C ARG A 258 10.88 36.07 6.06
N ALA A 259 10.45 36.71 7.15
CA ALA A 259 9.25 36.30 7.86
C ALA A 259 8.19 37.39 7.75
N SER A 260 6.93 36.98 7.58
CA SER A 260 5.80 37.88 7.53
C SER A 260 5.25 38.19 8.92
N PHE A 261 5.83 37.61 9.96
CA PHE A 261 5.27 37.67 11.30
C PHE A 261 6.42 37.85 12.27
N ASP B 5 4.87 -12.42 19.21
CA ASP B 5 5.53 -13.61 19.71
C ASP B 5 5.99 -14.48 18.56
N TRP B 6 5.26 -14.55 17.45
CA TRP B 6 5.67 -15.23 16.24
C TRP B 6 5.27 -14.35 15.07
N GLY B 7 6.04 -14.42 14.01
CA GLY B 7 5.76 -13.67 12.81
C GLY B 7 6.46 -14.31 11.65
N TYR B 8 6.85 -13.47 10.68
CA TYR B 8 7.56 -13.92 9.49
C TYR B 8 8.90 -13.19 9.29
N ASP B 9 9.31 -12.35 10.23
CA ASP B 9 10.60 -11.71 10.10
C ASP B 9 11.72 -12.66 10.53
N ASP B 10 12.96 -12.20 10.44
CA ASP B 10 14.08 -13.08 10.77
C ASP B 10 14.17 -13.36 12.27
N LYS B 11 13.66 -12.48 13.11
CA LYS B 11 13.74 -12.69 14.55
C LYS B 11 12.67 -13.64 15.08
N ASN B 12 11.49 -13.67 14.44
CA ASN B 12 10.37 -14.44 14.98
C ASN B 12 9.74 -15.34 13.92
N GLY B 13 10.44 -15.60 12.82
CA GLY B 13 9.85 -16.26 11.67
C GLY B 13 9.94 -17.77 11.70
N PRO B 14 9.56 -18.39 10.58
CA PRO B 14 9.46 -19.87 10.53
C PRO B 14 10.66 -20.63 11.05
N GLU B 15 11.88 -20.11 10.85
CA GLU B 15 13.04 -20.84 11.34
C GLU B 15 13.14 -20.82 12.86
N GLN B 16 12.50 -19.85 13.53
CA GLN B 16 12.52 -19.75 14.99
C GLN B 16 11.27 -20.31 15.66
N TRP B 17 10.26 -20.73 14.89
CA TRP B 17 8.97 -21.10 15.47
C TRP B 17 9.09 -22.27 16.44
N SER B 18 10.05 -23.18 16.22
CA SER B 18 10.15 -24.37 17.05
C SER B 18 10.48 -24.05 18.52
N LYS B 19 11.09 -22.88 18.78
CA LYS B 19 11.41 -22.52 20.16
C LYS B 19 10.15 -22.45 21.02
N LEU B 20 9.11 -21.82 20.50
CA LEU B 20 7.86 -21.69 21.24
C LEU B 20 6.83 -22.74 20.86
N TYR B 21 6.98 -23.36 19.67
CA TYR B 21 6.02 -24.34 19.15
C TYR B 21 6.84 -25.53 18.67
N PRO B 22 7.22 -26.44 19.57
CA PRO B 22 8.09 -27.56 19.17
C PRO B 22 7.51 -28.44 18.08
N ILE B 23 6.18 -28.46 17.90
CA ILE B 23 5.56 -29.23 16.83
C ILE B 23 6.00 -28.77 15.45
N ALA B 24 6.61 -27.58 15.35
CA ALA B 24 7.12 -27.08 14.08
C ALA B 24 8.10 -28.05 13.42
N ASN B 25 8.74 -28.91 14.20
CA ASN B 25 9.63 -29.95 13.70
C ASN B 25 8.94 -31.31 13.63
N GLY B 26 7.61 -31.34 13.66
CA GLY B 26 6.86 -32.58 13.70
C GLY B 26 6.95 -33.36 12.39
N ASN B 27 6.19 -34.46 12.36
CA ASN B 27 6.19 -35.38 11.23
C ASN B 27 5.06 -35.14 10.25
N ASN B 28 4.19 -34.16 10.52
CA ASN B 28 3.05 -33.89 9.65
C ASN B 28 2.92 -32.39 9.42
N GLN B 29 4.02 -31.73 9.16
CA GLN B 29 4.01 -30.28 8.99
C GLN B 29 3.72 -29.87 7.56
N SER B 30 3.11 -28.71 7.41
CA SER B 30 2.72 -28.13 6.13
C SER B 30 3.29 -26.73 6.04
N PRO B 31 3.46 -26.21 4.80
CA PRO B 31 3.15 -26.84 3.52
C PRO B 31 4.24 -27.82 3.11
N VAL B 32 4.04 -28.47 1.96
CA VAL B 32 5.00 -29.42 1.41
C VAL B 32 5.11 -29.15 -0.09
N ASP B 33 6.21 -29.65 -0.66
CA ASP B 33 6.31 -29.72 -2.11
C ASP B 33 5.61 -30.98 -2.58
N ILE B 34 4.82 -30.86 -3.64
CA ILE B 34 4.15 -32.00 -4.25
C ILE B 34 4.99 -32.42 -5.44
N LYS B 35 5.70 -33.53 -5.30
CA LYS B 35 6.49 -34.11 -6.39
C LYS B 35 5.54 -35.02 -7.18
N THR B 36 5.13 -34.57 -8.37
CA THR B 36 4.05 -35.26 -9.08
C THR B 36 4.43 -36.69 -9.45
N SER B 37 5.70 -36.94 -9.74
CA SER B 37 6.13 -38.30 -10.08
C SER B 37 6.02 -39.25 -8.90
N GLU B 38 5.88 -38.74 -7.68
CA GLU B 38 5.74 -39.57 -6.49
C GLU B 38 4.33 -39.60 -5.94
N THR B 39 3.37 -38.95 -6.59
CA THR B 39 2.00 -39.03 -6.11
C THR B 39 1.40 -40.38 -6.47
N LYS B 40 0.41 -40.78 -5.69
CA LYS B 40 -0.22 -42.09 -5.80
C LYS B 40 -1.71 -41.86 -6.06
N HIS B 41 -2.21 -42.40 -7.17
CA HIS B 41 -3.63 -42.32 -7.41
C HIS B 41 -4.39 -43.30 -6.53
N ASP B 42 -5.42 -42.80 -5.85
CA ASP B 42 -6.22 -43.55 -4.91
C ASP B 42 -7.65 -43.58 -5.44
N THR B 43 -8.12 -44.78 -5.83
CA THR B 43 -9.47 -44.91 -6.37
C THR B 43 -10.56 -44.61 -5.34
N SER B 44 -10.23 -44.58 -4.05
CA SER B 44 -11.23 -44.29 -3.03
C SER B 44 -11.50 -42.80 -2.89
N LEU B 45 -10.77 -41.95 -3.60
CA LEU B 45 -10.95 -40.51 -3.49
C LEU B 45 -12.11 -40.07 -4.38
N LYS B 46 -13.19 -39.63 -3.76
CA LYS B 46 -14.34 -39.12 -4.49
C LYS B 46 -14.09 -37.69 -4.94
N PRO B 47 -14.87 -37.16 -5.87
CA PRO B 47 -14.79 -35.72 -6.17
C PRO B 47 -15.11 -34.93 -4.91
N ILE B 48 -14.48 -33.79 -4.79
CA ILE B 48 -14.89 -32.90 -3.70
C ILE B 48 -16.12 -32.13 -4.13
N SER B 49 -17.03 -31.90 -3.18
CA SER B 49 -18.21 -31.09 -3.41
C SER B 49 -18.22 -29.97 -2.39
N VAL B 50 -18.32 -28.74 -2.88
CA VAL B 50 -18.45 -27.58 -2.02
C VAL B 50 -19.78 -26.92 -2.34
N SER B 51 -20.63 -26.78 -1.32
CA SER B 51 -21.89 -26.05 -1.43
CA SER B 51 -21.90 -26.06 -1.42
C SER B 51 -21.91 -25.08 -0.26
N TYR B 52 -21.60 -23.83 -0.54
CA TYR B 52 -21.50 -22.81 0.49
C TYR B 52 -22.67 -21.85 0.37
N ASN B 53 -23.33 -21.58 1.50
CA ASN B 53 -24.41 -20.62 1.54
C ASN B 53 -23.82 -19.22 1.68
N PRO B 54 -24.05 -18.32 0.73
CA PRO B 54 -23.42 -17.00 0.81
C PRO B 54 -23.82 -16.17 2.03
N ALA B 55 -24.93 -16.52 2.68
CA ALA B 55 -25.37 -15.80 3.87
C ALA B 55 -24.57 -16.15 5.11
N THR B 56 -23.68 -17.14 5.03
CA THR B 56 -22.80 -17.45 6.15
C THR B 56 -21.58 -16.54 6.23
N ALA B 57 -21.30 -15.74 5.20
CA ALA B 57 -20.21 -14.80 5.28
C ALA B 57 -20.50 -13.79 6.40
N LYS B 58 -19.48 -13.48 7.19
CA LYS B 58 -19.68 -12.70 8.41
C LYS B 58 -18.80 -11.46 8.50
N GLU B 59 -17.48 -11.62 8.50
CA GLU B 59 -16.59 -10.53 8.92
C GLU B 59 -15.22 -10.72 8.30
N ILE B 60 -14.60 -9.60 7.93
CA ILE B 60 -13.22 -9.55 7.47
C ILE B 60 -12.41 -8.85 8.54
N ILE B 61 -11.22 -9.36 8.84
CA ILE B 61 -10.44 -8.86 9.97
C ILE B 61 -8.96 -8.86 9.62
N ASN B 62 -8.25 -7.80 10.04
CA ASN B 62 -6.79 -7.74 9.92
C ASN B 62 -6.19 -8.39 11.16
N VAL B 63 -5.44 -9.48 10.96
CA VAL B 63 -4.85 -10.23 12.07
C VAL B 63 -3.35 -9.96 12.21
N GLY B 64 -2.85 -8.86 11.65
CA GLY B 64 -1.46 -8.49 11.84
C GLY B 64 -0.51 -9.09 10.84
N HIS B 65 -0.51 -10.41 10.73
CA HIS B 65 0.32 -11.09 9.75
C HIS B 65 -0.43 -11.40 8.46
N SER B 66 -1.74 -11.20 8.45
CA SER B 66 -2.58 -11.54 7.31
C SER B 66 -3.94 -10.90 7.55
N PHE B 67 -4.91 -11.21 6.70
CA PHE B 67 -6.30 -10.91 6.96
C PHE B 67 -7.13 -12.16 6.72
N HIS B 68 -8.26 -12.24 7.41
CA HIS B 68 -9.12 -13.40 7.34
C HIS B 68 -10.54 -12.97 7.00
N VAL B 69 -11.24 -13.79 6.24
CA VAL B 69 -12.68 -13.64 6.04
C VAL B 69 -13.34 -14.80 6.77
N ASN B 70 -14.09 -14.49 7.82
CA ASN B 70 -14.69 -15.48 8.69
C ASN B 70 -16.16 -15.66 8.38
N PHE B 71 -16.63 -16.88 8.61
CA PHE B 71 -17.99 -17.28 8.31
C PHE B 71 -18.70 -17.74 9.57
N GLU B 72 -20.01 -17.51 9.60
CA GLU B 72 -20.86 -18.08 10.65
C GLU B 72 -20.79 -19.60 10.58
N ASP B 73 -20.39 -20.24 11.68
CA ASP B 73 -20.20 -21.68 11.68
C ASP B 73 -21.07 -22.37 12.74
N ASN B 74 -22.23 -21.77 13.02
CA ASN B 74 -23.17 -22.32 14.00
C ASN B 74 -23.90 -23.56 13.48
N ASP B 75 -23.96 -23.75 12.16
CA ASP B 75 -24.67 -24.87 11.59
C ASP B 75 -23.95 -25.32 10.32
N ASN B 76 -24.45 -26.38 9.70
CA ASN B 76 -23.85 -26.91 8.47
C ASN B 76 -24.46 -26.32 7.21
N ARG B 77 -24.78 -25.02 7.18
CA ARG B 77 -25.25 -24.41 5.96
C ARG B 77 -24.20 -24.44 4.85
N SER B 78 -22.92 -24.34 5.20
CA SER B 78 -21.83 -24.25 4.23
C SER B 78 -20.87 -25.40 4.53
N VAL B 79 -20.77 -26.36 3.60
CA VAL B 79 -20.05 -27.61 3.87
C VAL B 79 -19.18 -28.04 2.70
N LEU B 80 -18.08 -28.70 3.05
CA LEU B 80 -17.25 -29.44 2.12
C LEU B 80 -17.50 -30.93 2.38
N LYS B 81 -17.72 -31.69 1.31
CA LYS B 81 -17.92 -33.13 1.40
C LYS B 81 -17.12 -33.81 0.30
N GLY B 82 -17.03 -35.13 0.37
CA GLY B 82 -16.40 -35.89 -0.69
C GLY B 82 -14.90 -35.98 -0.52
N GLY B 83 -14.18 -36.17 -1.62
CA GLY B 83 -12.75 -36.33 -1.55
C GLY B 83 -12.37 -37.49 -0.67
N PRO B 84 -11.44 -37.26 0.27
CA PRO B 84 -11.03 -38.30 1.21
C PRO B 84 -11.91 -38.44 2.44
N PHE B 85 -13.02 -37.70 2.50
CA PHE B 85 -13.78 -37.57 3.74
C PHE B 85 -15.02 -38.45 3.75
N SER B 86 -15.31 -39.01 4.92
CA SER B 86 -16.59 -39.64 5.18
C SER B 86 -17.60 -38.66 5.78
N ASP B 87 -17.11 -37.64 6.47
CA ASP B 87 -17.91 -36.64 7.15
C ASP B 87 -17.98 -35.36 6.32
N SER B 88 -18.99 -34.55 6.62
CA SER B 88 -19.04 -33.19 6.09
C SER B 88 -18.23 -32.26 6.97
N TYR B 89 -17.58 -31.28 6.34
CA TYR B 89 -16.77 -30.30 7.06
C TYR B 89 -17.37 -28.91 6.85
N ARG B 90 -17.45 -28.16 7.94
CA ARG B 90 -18.15 -26.87 7.97
C ARG B 90 -17.18 -25.74 7.68
N LEU B 91 -17.50 -24.91 6.69
CA LEU B 91 -16.68 -23.76 6.33
C LEU B 91 -16.60 -22.78 7.49
N PHE B 92 -15.40 -22.28 7.79
CA PHE B 92 -15.29 -21.21 8.79
C PHE B 92 -14.46 -20.02 8.38
N GLN B 93 -13.59 -20.12 7.38
CA GLN B 93 -12.69 -19.01 7.06
C GLN B 93 -12.08 -19.24 5.69
N PHE B 94 -11.74 -18.16 5.01
CA PHE B 94 -10.73 -18.20 3.95
C PHE B 94 -9.76 -17.06 4.11
N HIS B 95 -8.57 -17.23 3.53
CA HIS B 95 -7.51 -16.23 3.61
C HIS B 95 -6.48 -16.57 2.54
N PHE B 96 -5.46 -15.73 2.46
CA PHE B 96 -4.42 -15.88 1.46
C PHE B 96 -3.06 -15.84 2.13
N HIS B 97 -2.07 -16.33 1.38
CA HIS B 97 -0.67 -16.10 1.68
C HIS B 97 -0.01 -15.54 0.42
N TRP B 98 1.01 -14.72 0.64
CA TRP B 98 1.73 -14.06 -0.45
C TRP B 98 3.18 -13.85 -0.03
N GLY B 99 4.00 -13.43 -0.99
CA GLY B 99 5.41 -13.28 -0.77
C GLY B 99 5.90 -11.86 -1.06
N SER B 100 7.19 -11.65 -0.80
CA SER B 100 7.78 -10.33 -0.94
C SER B 100 7.82 -9.89 -2.40
N THR B 101 7.94 -10.84 -3.32
CA THR B 101 7.92 -10.57 -4.75
C THR B 101 6.87 -11.47 -5.39
N ASN B 102 6.57 -11.22 -6.67
CA ASN B 102 5.66 -12.11 -7.37
C ASN B 102 6.25 -13.50 -7.58
N GLU B 103 7.56 -13.67 -7.43
CA GLU B 103 8.21 -14.92 -7.79
C GLU B 103 8.05 -16.02 -6.74
N HIS B 104 7.55 -15.69 -5.55
CA HIS B 104 7.63 -16.63 -4.44
C HIS B 104 6.66 -16.15 -3.36
N GLY B 105 5.42 -16.60 -3.45
CA GLY B 105 4.44 -16.27 -2.43
C GLY B 105 3.54 -17.40 -1.98
N SER B 106 3.48 -18.49 -2.74
CA SER B 106 2.66 -19.60 -2.29
C SER B 106 3.33 -20.35 -1.14
N GLU B 107 2.56 -21.21 -0.50
CA GLU B 107 3.08 -22.07 0.54
C GLU B 107 3.42 -23.45 -0.03
N HIS B 108 2.42 -24.15 -0.55
CA HIS B 108 2.70 -25.37 -1.28
C HIS B 108 3.42 -25.02 -2.59
N THR B 109 4.22 -25.98 -3.05
CA THR B 109 4.90 -25.90 -4.33
C THR B 109 4.63 -27.20 -5.07
N VAL B 110 4.78 -27.17 -6.39
CA VAL B 110 4.57 -28.36 -7.21
C VAL B 110 5.83 -28.60 -8.03
N ASP B 111 6.47 -29.75 -7.81
CA ASP B 111 7.72 -30.08 -8.48
C ASP B 111 8.75 -28.96 -8.28
N GLY B 112 8.77 -28.39 -7.08
CA GLY B 112 9.66 -27.32 -6.71
C GLY B 112 9.31 -25.95 -7.23
N VAL B 113 8.23 -25.83 -8.00
CA VAL B 113 7.83 -24.54 -8.57
C VAL B 113 6.98 -23.78 -7.57
N LYS B 114 7.44 -22.52 -7.11
CA LYS B 114 6.59 -21.64 -6.31
C LYS B 114 5.69 -20.80 -7.22
N TYR B 115 4.54 -20.56 -6.65
CA TYR B 115 3.58 -19.67 -7.26
C TYR B 115 3.58 -18.34 -6.52
N SER B 116 2.76 -17.40 -7.00
CA SER B 116 2.80 -16.03 -6.49
C SER B 116 2.02 -15.87 -5.19
N ALA B 117 1.01 -16.70 -4.98
CA ALA B 117 0.18 -16.57 -3.78
C ALA B 117 -0.60 -17.87 -3.65
N GLU B 118 -1.35 -17.98 -2.55
CA GLU B 118 -2.14 -19.18 -2.30
C GLU B 118 -3.37 -18.81 -1.50
N LEU B 119 -4.51 -19.37 -1.90
CA LEU B 119 -5.78 -19.24 -1.21
C LEU B 119 -6.01 -20.47 -0.34
N HIS B 120 -6.45 -20.24 0.89
CA HIS B 120 -6.80 -21.32 1.81
C HIS B 120 -8.24 -21.15 2.24
N VAL B 121 -9.03 -22.20 2.05
CA VAL B 121 -10.44 -22.25 2.47
C VAL B 121 -10.53 -23.32 3.55
N ALA B 122 -10.82 -22.92 4.78
CA ALA B 122 -10.68 -23.77 5.94
C ALA B 122 -12.04 -24.22 6.48
N HIS B 123 -12.11 -25.49 6.90
CA HIS B 123 -13.33 -26.11 7.40
C HIS B 123 -12.99 -26.98 8.61
N TRP B 124 -14.01 -27.25 9.45
CA TRP B 124 -13.84 -28.12 10.61
C TRP B 124 -14.90 -29.22 10.63
N ASN B 125 -14.56 -30.33 11.30
CA ASN B 125 -15.34 -31.56 11.26
C ASN B 125 -16.53 -31.44 12.23
N SER B 126 -17.69 -31.03 11.70
CA SER B 126 -18.88 -30.88 12.51
C SER B 126 -19.65 -32.18 12.68
N ALA B 127 -19.31 -33.22 11.93
CA ALA B 127 -19.95 -34.52 12.15
C ALA B 127 -19.42 -35.17 13.42
N LYS B 128 -18.13 -35.01 13.69
CA LYS B 128 -17.48 -35.65 14.82
C LYS B 128 -17.34 -34.76 16.04
N TYR B 129 -17.21 -33.45 15.84
CA TYR B 129 -16.95 -32.52 16.92
C TYR B 129 -18.02 -31.44 16.95
N SER B 130 -18.09 -30.75 18.09
CA SER B 130 -19.15 -29.79 18.34
C SER B 130 -18.71 -28.35 18.12
N SER B 131 -17.41 -28.10 17.97
CA SER B 131 -16.93 -26.73 17.80
C SER B 131 -15.58 -26.73 17.10
N LEU B 132 -15.24 -25.57 16.54
CA LEU B 132 -13.89 -25.36 16.02
C LEU B 132 -12.86 -25.56 17.12
N ALA B 133 -13.14 -25.04 18.32
CA ALA B 133 -12.20 -25.21 19.43
C ALA B 133 -11.92 -26.68 19.72
N GLU B 134 -12.95 -27.52 19.69
CA GLU B 134 -12.74 -28.96 19.90
C GLU B 134 -12.00 -29.59 18.72
N ALA B 135 -12.35 -29.21 17.50
CA ALA B 135 -11.82 -29.85 16.31
C ALA B 135 -10.37 -29.45 16.03
N ALA B 136 -9.93 -28.28 16.50
CA ALA B 136 -8.72 -27.66 15.96
C ALA B 136 -7.46 -28.48 16.22
N SER B 137 -7.44 -29.30 17.26
CA SER B 137 -6.23 -30.07 17.58
C SER B 137 -6.38 -31.56 17.31
N LYS B 138 -7.48 -31.99 16.71
CA LYS B 138 -7.72 -33.40 16.41
C LYS B 138 -7.16 -33.73 15.03
N ALA B 139 -6.58 -34.93 14.89
CA ALA B 139 -5.96 -35.32 13.63
C ALA B 139 -6.92 -35.21 12.45
N ASP B 140 -8.20 -35.49 12.68
CA ASP B 140 -9.23 -35.42 11.64
C ASP B 140 -10.12 -34.19 11.78
N GLY B 141 -9.64 -33.17 12.49
CA GLY B 141 -10.50 -32.05 12.84
C GLY B 141 -10.71 -31.02 11.75
N LEU B 142 -9.70 -30.79 10.90
CA LEU B 142 -9.73 -29.68 9.95
C LEU B 142 -9.49 -30.16 8.53
N ALA B 143 -10.08 -29.44 7.58
CA ALA B 143 -9.88 -29.68 6.15
C ALA B 143 -9.67 -28.33 5.50
N VAL B 144 -8.55 -28.16 4.80
CA VAL B 144 -8.26 -26.89 4.13
C VAL B 144 -8.02 -27.16 2.66
N ILE B 145 -8.74 -26.43 1.80
CA ILE B 145 -8.48 -26.40 0.37
C ILE B 145 -7.44 -25.33 0.07
N GLY B 146 -6.40 -25.71 -0.67
CA GLY B 146 -5.39 -24.77 -1.14
C GLY B 146 -5.49 -24.63 -2.64
N VAL B 147 -5.48 -23.37 -3.10
CA VAL B 147 -5.46 -23.03 -4.52
C VAL B 147 -4.24 -22.18 -4.76
N LEU B 148 -3.38 -22.63 -5.67
CA LEU B 148 -2.21 -21.89 -6.07
C LEU B 148 -2.62 -20.75 -6.99
N MET B 149 -2.01 -19.58 -6.80
CA MET B 149 -2.36 -18.39 -7.55
C MET B 149 -1.14 -17.98 -8.40
N LYS B 150 -1.35 -17.88 -9.70
CA LYS B 150 -0.29 -17.62 -10.67
C LYS B 150 -0.41 -16.19 -11.16
N VAL B 151 0.67 -15.42 -11.04
CA VAL B 151 0.62 -14.02 -11.46
C VAL B 151 0.37 -13.94 -12.96
N GLY B 152 -0.54 -13.05 -13.34
CA GLY B 152 -0.95 -12.86 -14.72
C GLY B 152 -2.08 -11.86 -14.78
N GLU B 153 -3.18 -12.22 -15.45
CA GLU B 153 -4.30 -11.31 -15.60
C GLU B 153 -4.98 -11.08 -14.25
N ALA B 154 -5.54 -9.88 -14.09
CA ALA B 154 -6.31 -9.58 -12.89
C ALA B 154 -7.47 -10.56 -12.75
N ASN B 155 -7.72 -10.99 -11.52
CA ASN B 155 -8.77 -11.95 -11.25
C ASN B 155 -9.98 -11.19 -10.75
N PRO B 156 -11.04 -11.02 -11.54
CA PRO B 156 -12.17 -10.21 -11.07
C PRO B 156 -12.93 -10.83 -9.91
N LYS B 157 -12.78 -12.13 -9.66
CA LYS B 157 -13.48 -12.77 -8.55
C LYS B 157 -12.96 -12.31 -7.20
N LEU B 158 -11.78 -11.70 -7.18
CA LEU B 158 -11.21 -11.19 -5.94
C LEU B 158 -11.73 -9.80 -5.58
N GLN B 159 -12.57 -9.20 -6.43
CA GLN B 159 -12.89 -7.77 -6.30
C GLN B 159 -13.47 -7.43 -4.93
N LYS B 160 -14.51 -8.14 -4.49
CA LYS B 160 -15.14 -7.81 -3.22
C LYS B 160 -14.13 -7.87 -2.08
N VAL B 161 -13.26 -8.87 -2.09
CA VAL B 161 -12.25 -9.00 -1.04
C VAL B 161 -11.30 -7.81 -1.07
N LEU B 162 -10.76 -7.49 -2.25
CA LEU B 162 -9.79 -6.41 -2.35
C LEU B 162 -10.42 -5.06 -1.99
N ASP B 163 -11.68 -4.85 -2.39
CA ASP B 163 -12.35 -3.59 -2.10
C ASP B 163 -12.56 -3.41 -0.61
N ALA B 164 -12.65 -4.52 0.13
CA ALA B 164 -12.91 -4.47 1.56
C ALA B 164 -11.68 -4.09 2.37
N LEU B 165 -10.49 -4.21 1.80
CA LEU B 165 -9.26 -4.06 2.57
C LEU B 165 -9.07 -2.64 3.09
N GLN B 166 -9.60 -1.64 2.39
CA GLN B 166 -9.43 -0.26 2.83
C GLN B 166 -10.04 0.00 4.21
N ALA B 167 -11.00 -0.83 4.63
CA ALA B 167 -11.63 -0.65 5.92
C ALA B 167 -10.96 -1.42 7.05
N ILE B 168 -9.95 -2.25 6.74
CA ILE B 168 -9.25 -3.03 7.77
C ILE B 168 -7.75 -2.87 7.61
N LYS B 169 -7.28 -1.64 7.44
CA LYS B 169 -5.90 -1.45 7.03
C LYS B 169 -4.90 -1.85 8.10
N THR B 170 -5.24 -1.67 9.39
CA THR B 170 -4.30 -1.91 10.48
C THR B 170 -4.77 -3.06 11.38
N LYS B 171 -3.81 -3.60 12.12
CA LYS B 171 -4.03 -4.78 12.93
C LYS B 171 -5.18 -4.59 13.91
N GLY B 172 -6.11 -5.53 13.92
CA GLY B 172 -7.23 -5.51 14.82
C GLY B 172 -8.49 -4.93 14.23
N LYS B 173 -8.40 -4.19 13.13
CA LYS B 173 -9.61 -3.66 12.51
C LYS B 173 -10.41 -4.79 11.87
N ARG B 174 -11.74 -4.63 11.91
CA ARG B 174 -12.66 -5.62 11.36
C ARG B 174 -13.88 -4.90 10.78
N ALA B 175 -14.55 -5.57 9.85
CA ALA B 175 -15.73 -4.98 9.22
C ALA B 175 -16.66 -6.10 8.78
N PRO B 176 -17.96 -5.84 8.71
CA PRO B 176 -18.87 -6.85 8.18
C PRO B 176 -18.50 -7.20 6.75
N PHE B 177 -18.61 -8.49 6.42
CA PHE B 177 -18.32 -8.99 5.07
C PHE B 177 -19.37 -10.08 4.85
N THR B 178 -20.38 -9.77 4.04
CA THR B 178 -21.59 -10.59 3.97
C THR B 178 -21.91 -10.95 2.53
N ASN B 179 -22.79 -11.94 2.39
CA ASN B 179 -23.32 -12.37 1.10
C ASN B 179 -22.19 -12.68 0.11
N PHE B 180 -21.41 -13.70 0.46
CA PHE B 180 -20.30 -14.08 -0.39
C PHE B 180 -20.09 -15.59 -0.34
N ASP B 181 -20.00 -16.21 -1.52
CA ASP B 181 -19.76 -17.64 -1.65
C ASP B 181 -18.32 -17.84 -2.11
N PRO B 182 -17.42 -18.31 -1.24
CA PRO B 182 -16.01 -18.40 -1.64
C PRO B 182 -15.70 -19.52 -2.62
N SER B 183 -16.63 -20.43 -2.89
CA SER B 183 -16.40 -21.39 -3.96
C SER B 183 -16.26 -20.70 -5.31
N THR B 184 -16.71 -19.44 -5.43
CA THR B 184 -16.49 -18.66 -6.64
C THR B 184 -15.01 -18.40 -6.90
N LEU B 185 -14.15 -18.59 -5.90
CA LEU B 185 -12.72 -18.37 -6.08
C LEU B 185 -11.98 -19.62 -6.53
N LEU B 186 -12.64 -20.78 -6.51
CA LEU B 186 -12.00 -22.03 -6.88
C LEU B 186 -11.83 -22.13 -8.39
N PRO B 187 -10.87 -22.93 -8.85
CA PRO B 187 -10.76 -23.20 -10.28
C PRO B 187 -11.93 -24.02 -10.78
N SER B 188 -12.04 -24.08 -12.06
CA SER B 188 -13.14 -24.78 -12.70
C SER B 188 -13.10 -26.27 -12.42
N SER B 189 -12.01 -26.86 -12.59
CA SER B 189 -11.82 -28.26 -12.23
C SER B 189 -11.35 -28.36 -10.79
N LEU B 190 -11.91 -29.31 -10.06
CA LEU B 190 -11.52 -29.56 -8.67
C LEU B 190 -10.72 -30.84 -8.51
N ASP B 191 -10.02 -31.29 -9.56
CA ASP B 191 -9.01 -32.33 -9.39
C ASP B 191 -8.03 -31.89 -8.30
N PHE B 192 -7.57 -32.82 -7.49
CA PHE B 192 -6.84 -32.42 -6.29
C PHE B 192 -5.82 -33.47 -5.88
N TRP B 193 -4.83 -33.00 -5.12
CA TRP B 193 -3.96 -33.82 -4.31
C TRP B 193 -4.38 -33.71 -2.85
N THR B 194 -4.12 -34.74 -2.05
CA THR B 194 -4.41 -34.69 -0.63
C THR B 194 -3.30 -35.35 0.18
N TYR B 195 -3.02 -34.79 1.35
CA TYR B 195 -2.04 -35.38 2.24
C TYR B 195 -2.36 -34.92 3.65
N PRO B 196 -1.93 -35.66 4.67
CA PRO B 196 -2.19 -35.24 6.07
C PRO B 196 -1.13 -34.26 6.52
N GLY B 197 -1.55 -33.12 7.08
CA GLY B 197 -0.64 -32.08 7.47
C GLY B 197 -1.11 -31.23 8.61
N SER B 198 -0.75 -29.95 8.56
CA SER B 198 -0.80 -29.09 9.71
C SER B 198 -1.25 -27.70 9.32
N LEU B 199 -1.66 -26.92 10.33
CA LEU B 199 -1.72 -25.48 10.14
C LEU B 199 -0.33 -25.00 9.72
N THR B 200 -0.29 -24.04 8.80
CA THR B 200 1.00 -23.57 8.27
C THR B 200 1.61 -22.46 9.11
N HIS B 201 0.98 -22.05 10.19
CA HIS B 201 1.61 -21.11 11.12
C HIS B 201 1.11 -21.46 12.51
N PRO B 202 1.75 -20.91 13.55
CA PRO B 202 1.35 -21.26 14.93
C PRO B 202 -0.14 -21.11 15.12
N PRO B 203 -0.79 -22.04 15.84
CA PRO B 203 -0.14 -23.08 16.65
C PRO B 203 0.34 -24.36 15.94
N LEU B 204 0.26 -24.43 14.60
CA LEU B 204 0.90 -25.50 13.83
C LEU B 204 0.33 -26.88 14.11
N TYR B 205 -0.90 -26.96 14.61
CA TYR B 205 -1.51 -28.25 14.94
C TYR B 205 -1.50 -29.17 13.73
N GLU B 206 -1.17 -30.44 13.95
CA GLU B 206 -1.17 -31.43 12.88
C GLU B 206 -2.56 -32.05 12.73
N SER B 207 -3.50 -31.18 12.39
CA SER B 207 -4.92 -31.51 12.36
C SER B 207 -5.58 -31.28 11.01
N VAL B 208 -4.82 -31.07 9.94
CA VAL B 208 -5.37 -30.62 8.67
C VAL B 208 -5.23 -31.72 7.64
N THR B 209 -6.34 -32.10 7.03
CA THR B 209 -6.33 -32.86 5.77
C THR B 209 -6.31 -31.81 4.66
N TRP B 210 -5.21 -31.75 3.92
CA TRP B 210 -5.05 -30.76 2.87
C TRP B 210 -5.64 -31.26 1.56
N ILE B 211 -6.34 -30.37 0.87
CA ILE B 211 -6.88 -30.61 -0.46
C ILE B 211 -6.25 -29.54 -1.35
N ILE B 212 -5.26 -29.92 -2.16
CA ILE B 212 -4.55 -28.96 -3.00
C ILE B 212 -5.07 -29.12 -4.42
N CYS B 213 -5.66 -28.06 -4.98
CA CYS B 213 -6.20 -28.15 -6.33
C CYS B 213 -5.08 -28.26 -7.35
N LYS B 214 -5.29 -29.13 -8.34
CA LYS B 214 -4.33 -29.27 -9.42
C LYS B 214 -4.28 -28.00 -10.26
N GLU B 215 -5.40 -27.37 -10.48
CA GLU B 215 -5.48 -26.19 -11.29
C GLU B 215 -5.30 -24.90 -10.46
N SER B 216 -4.58 -23.97 -11.04
CA SER B 216 -4.35 -22.68 -10.41
C SER B 216 -5.42 -21.67 -10.83
N ILE B 217 -5.46 -20.54 -10.10
CA ILE B 217 -6.24 -19.36 -10.49
C ILE B 217 -5.27 -18.20 -10.69
N SER B 218 -5.74 -17.15 -11.34
CA SER B 218 -4.89 -16.02 -11.65
CA SER B 218 -4.91 -16.00 -11.66
C SER B 218 -4.97 -14.93 -10.57
N VAL B 219 -4.00 -14.02 -10.62
CA VAL B 219 -3.99 -12.81 -9.81
C VAL B 219 -3.03 -11.85 -10.50
N SER B 220 -3.32 -10.56 -10.44
CA SER B 220 -2.43 -9.63 -11.12
C SER B 220 -1.38 -9.10 -10.14
N SER B 221 -0.32 -8.53 -10.71
CA SER B 221 0.72 -7.91 -9.89
C SER B 221 0.16 -6.82 -8.99
N GLU B 222 -0.82 -6.06 -9.49
CA GLU B 222 -1.39 -4.98 -8.70
C GLU B 222 -2.31 -5.50 -7.61
N GLN B 223 -2.99 -6.62 -7.85
CA GLN B 223 -3.81 -7.20 -6.80
C GLN B 223 -2.94 -7.72 -5.66
N LEU B 224 -1.78 -8.31 -5.99
CA LEU B 224 -0.84 -8.71 -4.95
C LEU B 224 -0.31 -7.52 -4.17
N ALA B 225 -0.09 -6.40 -4.87
CA ALA B 225 0.36 -5.19 -4.20
C ALA B 225 -0.67 -4.74 -3.17
N GLN B 226 -1.96 -4.94 -3.46
CA GLN B 226 -2.99 -4.60 -2.49
C GLN B 226 -2.84 -5.42 -1.21
N PHE B 227 -2.60 -6.73 -1.34
CA PHE B 227 -2.32 -7.55 -0.14
C PHE B 227 -1.18 -6.95 0.66
N ARG B 228 -0.08 -6.61 -0.02
CA ARG B 228 1.12 -6.11 0.64
C ARG B 228 0.94 -4.72 1.20
N SER B 229 -0.13 -4.01 0.80
CA SER B 229 -0.38 -2.70 1.36
C SER B 229 -1.15 -2.76 2.66
N LEU B 230 -1.63 -3.94 3.06
CA LEU B 230 -2.17 -4.08 4.41
C LEU B 230 -1.06 -3.86 5.42
N LEU B 231 -1.42 -3.37 6.59
CA LEU B 231 -0.45 -2.96 7.61
C LEU B 231 -0.51 -3.90 8.81
N SER B 232 0.68 -4.32 9.26
CA SER B 232 0.79 -5.21 10.42
C SER B 232 0.76 -4.47 11.75
N ASN B 233 0.90 -3.15 11.74
CA ASN B 233 0.92 -2.37 12.97
C ASN B 233 -0.50 -1.98 13.35
N VAL B 234 -0.64 -1.55 14.61
CA VAL B 234 -1.92 -0.99 15.04
C VAL B 234 -2.03 0.46 14.60
N GLU B 235 -3.26 0.92 14.45
CA GLU B 235 -3.53 2.31 14.06
C GLU B 235 -2.76 3.30 14.92
N GLY B 236 -2.15 4.28 14.25
CA GLY B 236 -1.43 5.35 14.89
C GLY B 236 0.07 5.14 14.92
N ASP B 237 0.52 3.89 15.03
CA ASP B 237 1.94 3.59 14.92
C ASP B 237 2.40 3.76 13.48
N ASN B 238 3.71 3.84 13.31
CA ASN B 238 4.27 3.93 11.96
C ASN B 238 3.85 2.72 11.13
N ALA B 239 3.50 2.99 9.88
CA ALA B 239 2.93 1.96 9.03
C ALA B 239 3.99 0.92 8.65
N VAL B 240 3.65 -0.35 8.82
CA VAL B 240 4.54 -1.45 8.47
C VAL B 240 3.79 -2.40 7.53
N PRO B 241 4.09 -2.38 6.23
CA PRO B 241 3.34 -3.23 5.30
C PRO B 241 3.56 -4.71 5.56
N MET B 242 2.53 -5.49 5.24
CA MET B 242 2.56 -6.95 5.33
C MET B 242 3.20 -7.51 4.07
N GLN B 243 4.54 -7.61 4.06
CA GLN B 243 5.20 -7.93 2.80
C GLN B 243 5.11 -9.40 2.44
N HIS B 244 5.00 -10.29 3.43
CA HIS B 244 4.98 -11.72 3.14
C HIS B 244 4.47 -12.48 4.36
N ASN B 245 3.91 -13.66 4.09
CA ASN B 245 3.41 -14.51 5.17
C ASN B 245 3.35 -15.98 4.77
N ASN B 246 4.31 -16.43 3.95
CA ASN B 246 4.35 -17.81 3.49
C ASN B 246 5.46 -18.59 4.18
N ARG B 247 5.10 -19.75 4.76
CA ARG B 247 6.08 -20.64 5.37
C ARG B 247 6.78 -21.49 4.29
N PRO B 248 8.08 -21.73 4.44
CA PRO B 248 8.76 -22.66 3.53
C PRO B 248 8.15 -24.06 3.60
N THR B 249 8.35 -24.84 2.53
CA THR B 249 7.92 -26.23 2.54
C THR B 249 8.74 -27.04 3.54
N GLN B 250 8.09 -28.04 4.12
CA GLN B 250 8.60 -28.85 5.22
C GLN B 250 8.76 -30.29 4.78
N PRO B 251 9.62 -31.07 5.45
CA PRO B 251 9.91 -32.43 4.97
C PRO B 251 8.67 -33.32 5.01
N LEU B 252 8.54 -34.13 3.95
CA LEU B 252 7.40 -35.05 3.85
C LEU B 252 7.44 -36.12 4.93
N LYS B 253 8.64 -36.53 5.34
CA LYS B 253 8.83 -37.53 6.40
C LYS B 253 7.97 -38.77 6.19
N GLY B 254 8.02 -39.31 4.98
CA GLY B 254 7.36 -40.57 4.69
C GLY B 254 5.89 -40.47 4.36
N ARG B 255 5.29 -39.28 4.41
CA ARG B 255 3.89 -39.15 4.04
C ARG B 255 3.73 -39.35 2.54
N THR B 256 2.52 -39.77 2.16
CA THR B 256 2.16 -39.97 0.76
C THR B 256 1.21 -38.88 0.33
N VAL B 257 1.51 -38.24 -0.79
CA VAL B 257 0.55 -37.34 -1.43
C VAL B 257 -0.27 -38.16 -2.41
N ARG B 258 -1.57 -38.22 -2.18
CA ARG B 258 -2.49 -38.96 -3.02
C ARG B 258 -3.11 -38.04 -4.07
N ALA B 259 -3.35 -38.58 -5.25
CA ALA B 259 -3.95 -37.83 -6.35
C ALA B 259 -5.33 -38.37 -6.65
N SER B 260 -6.25 -37.46 -6.94
CA SER B 260 -7.61 -37.81 -7.30
C SER B 260 -7.75 -38.14 -8.79
N PHE B 261 -6.71 -37.89 -9.56
CA PHE B 261 -6.79 -37.88 -11.02
C PHE B 261 -5.56 -38.58 -11.58
#